data_7KQD
#
_entry.id   7KQD
#
_cell.length_a   168.610
_cell.length_b   168.610
_cell.length_c   168.610
_cell.angle_alpha   90.000
_cell.angle_beta   90.000
_cell.angle_gamma   90.000
#
_symmetry.space_group_name_H-M   'P 41 3 2'
#
loop_
_entity.id
_entity.type
_entity.pdbx_description
1 polymer 'Fusion glycoprotein F0'
2 non-polymer "1'-{[5-(aminomethyl)-1-(4,4,4-trifluorobutyl)-1H-benzimidazol-2-yl]methyl}-6'-fluorospiro[cyclopropane-1,3'-indol]-2'(1'H)-one"
3 non-polymer 'SULFATE ION'
#
_entity_poly.entity_id   1
_entity_poly.type   'polypeptide(L)'
_entity_poly.pdbx_seq_one_letter_code
;MELLILKANAITTILTAVTFCFASGQNITEEFYQSTCSAVSKGYLSALRTGWYTSVITIELSNIKENKCNGTDAKVKLIK
QELDKYKNAVTELQLLMQSTPATNNRARRELPRFMNYTLNNAKKTNVTLSKKRKRRFLGFLLGVGSAIASGVAVCKVLHL
EGEVNKIKSALLSTNKAVVSLSNGVSVLTFKVLDLKNYIDKQLLPILNKQSCSISNIETVIEFQQKNNRLLEITREFSVN
AGVTTPVSTYMLTNSELLSLINDMPITNDQKKLMSNNVQIVRQQSYSIMCIIKEEVLAYVVQLPLYGVIDTPCWKLHTSP
LCTTNTKEGSNICLTRTDRGWYCDNAGSVSFFPQAETCKVQSNRVFCDTMNSLTLPSEVNLCNVDIFNPKYDCKIMTSKT
DVSSSVITSLGAIVSCYGKTKCTASNKNRGIIKTFSNGCDYVSNKGVDTVSVGNTLYYVNKQEGKSLYVKGEPIINFYDP
LVFPSDEFDASISQVNEKINQSLAFIRKSDELLSAIGGYIPEAPRDGQAYVRKDGEWVLLSTFLGGLVPRGSHHHHHHSA
WSHPQFEK
;
_entity_poly.pdbx_strand_id   F
#
# COMPACT_ATOMS: atom_id res chain seq x y z
N ASN A 27 17.31 -2.88 -14.59
CA ASN A 27 17.49 -2.03 -15.77
C ASN A 27 16.24 -1.21 -16.06
N ILE A 28 16.21 0.04 -15.56
CA ILE A 28 15.06 0.91 -15.76
C ILE A 28 15.29 1.76 -17.00
N THR A 29 14.25 1.90 -17.82
CA THR A 29 14.28 2.73 -19.00
C THR A 29 12.99 3.54 -19.06
N GLU A 30 12.99 4.59 -19.86
CA GLU A 30 11.83 5.46 -19.96
C GLU A 30 11.69 5.94 -21.40
N GLU A 31 10.44 6.15 -21.83
CA GLU A 31 10.16 6.70 -23.14
C GLU A 31 9.12 7.80 -23.00
N PHE A 32 9.38 8.96 -23.60
CA PHE A 32 8.46 10.09 -23.61
C PHE A 32 7.83 10.23 -24.98
N TYR A 33 6.51 10.31 -25.01
CA TYR A 33 5.78 10.45 -26.26
C TYR A 33 5.32 11.90 -26.38
N GLN A 34 6.03 12.66 -27.19
CA GLN A 34 5.66 14.05 -27.43
C GLN A 34 4.27 14.18 -28.02
N SER A 35 3.81 13.17 -28.75
CA SER A 35 2.49 13.25 -29.37
C SER A 35 1.39 13.33 -28.32
N THR A 36 1.53 12.59 -27.22
CA THR A 36 0.48 12.55 -26.22
C THR A 36 0.91 13.08 -24.87
N CYS A 37 2.12 13.65 -24.77
CA CYS A 37 2.56 14.28 -23.53
C CYS A 37 2.54 13.29 -22.38
N SER A 38 3.11 12.11 -22.61
CA SER A 38 3.11 11.08 -21.59
C SER A 38 4.43 10.33 -21.65
N ALA A 39 4.65 9.47 -20.65
CA ALA A 39 5.91 8.76 -20.58
C ALA A 39 5.75 7.47 -19.81
N VAL A 40 6.49 6.45 -20.21
CA VAL A 40 6.40 5.13 -19.61
C VAL A 40 7.76 4.74 -19.09
N SER A 41 7.83 4.41 -17.80
CA SER A 41 9.00 3.77 -17.22
C SER A 41 8.77 2.27 -17.20
N LYS A 42 9.73 1.51 -17.73
CA LYS A 42 9.60 0.07 -17.77
C LYS A 42 10.87 -0.57 -17.21
N GLY A 43 10.84 -1.89 -17.11
CA GLY A 43 11.92 -2.63 -16.51
C GLY A 43 11.68 -3.04 -15.08
N TYR A 44 10.47 -2.95 -14.59
CA TYR A 44 10.20 -3.31 -13.22
C TYR A 44 9.65 -4.69 -13.13
N LEU A 45 9.71 -5.27 -11.95
CA LEU A 45 9.19 -6.61 -11.66
C LEU A 45 8.04 -6.52 -10.68
N SER A 46 7.04 -7.39 -10.86
CA SER A 46 5.83 -7.32 -10.07
C SER A 46 5.96 -8.10 -8.76
N ALA A 47 5.16 -7.69 -7.78
CA ALA A 47 4.87 -8.48 -6.59
C ALA A 47 3.46 -8.07 -6.16
N LEU A 48 2.47 -8.74 -6.71
CA LEU A 48 1.08 -8.36 -6.50
C LEU A 48 0.49 -9.21 -5.39
N ARG A 49 -0.08 -8.56 -4.38
CA ARG A 49 -0.84 -9.29 -3.37
C ARG A 49 -2.14 -9.77 -3.99
N THR A 50 -2.28 -11.10 -4.07
CA THR A 50 -3.42 -11.74 -4.66
C THR A 50 -4.35 -12.40 -3.65
N GLY A 51 -3.87 -12.64 -2.44
CA GLY A 51 -4.65 -13.37 -1.45
C GLY A 51 -4.21 -12.99 -0.05
N TRP A 52 -4.64 -13.81 0.92
CA TRP A 52 -4.36 -13.57 2.33
C TRP A 52 -4.05 -14.89 3.02
N TYR A 53 -3.09 -14.85 3.94
CA TYR A 53 -2.88 -15.94 4.89
C TYR A 53 -3.19 -15.45 6.30
N THR A 54 -4.03 -16.18 7.00
CA THR A 54 -4.46 -15.81 8.33
C THR A 54 -3.75 -16.70 9.35
N SER A 55 -2.99 -16.09 10.24
CA SER A 55 -2.36 -16.79 11.36
C SER A 55 -2.97 -16.29 12.66
N VAL A 56 -2.90 -17.13 13.69
CA VAL A 56 -3.50 -16.82 14.99
C VAL A 56 -2.35 -16.66 15.99
N ILE A 57 -2.15 -15.43 16.47
CA ILE A 57 -1.11 -15.12 17.43
C ILE A 57 -1.73 -15.12 18.83
N THR A 58 -1.05 -15.74 19.79
CA THR A 58 -1.61 -15.93 21.12
C THR A 58 -0.64 -15.48 22.20
N ILE A 59 -1.20 -15.06 23.32
CA ILE A 59 -0.42 -14.65 24.45
C ILE A 59 -1.07 -15.32 25.63
N GLU A 60 -0.38 -16.23 26.29
CA GLU A 60 -0.98 -16.91 27.42
C GLU A 60 -1.05 -16.00 28.63
N LEU A 61 -2.21 -15.92 29.23
CA LEU A 61 -2.41 -15.02 30.34
C LEU A 61 -2.61 -15.65 31.69
N SER A 62 -2.15 -14.94 32.71
CA SER A 62 -2.33 -15.34 34.09
C SER A 62 -3.65 -14.81 34.62
N ASN A 63 -4.38 -15.65 35.33
CA ASN A 63 -5.68 -15.28 35.89
C ASN A 63 -5.55 -15.30 37.41
N ILE A 64 -5.37 -14.11 38.00
CA ILE A 64 -5.09 -13.98 39.43
C ILE A 64 -6.07 -13.02 40.08
N LYS A 65 -6.36 -13.25 41.35
CA LYS A 65 -7.06 -12.29 42.18
C LYS A 65 -6.01 -11.53 42.99
N GLU A 66 -6.15 -10.20 43.04
CA GLU A 66 -5.14 -9.35 43.66
C GLU A 66 -5.08 -9.56 45.17
N ASN A 67 -3.89 -9.38 45.72
CA ASN A 67 -3.68 -9.42 47.17
C ASN A 67 -2.58 -8.43 47.54
N GLY A 71 0.63 -5.38 53.75
CA GLY A 71 2.01 -4.96 53.64
C GLY A 71 2.25 -3.95 52.52
N THR A 72 3.14 -2.99 52.79
CA THR A 72 3.53 -1.98 51.80
C THR A 72 4.99 -1.64 51.97
N ASP A 73 5.67 -1.43 50.84
CA ASP A 73 7.04 -0.94 50.79
C ASP A 73 7.33 -0.55 49.35
N ALA A 74 8.54 -0.04 49.11
CA ALA A 74 8.85 0.56 47.82
C ALA A 74 8.77 -0.44 46.68
N LYS A 75 9.32 -1.63 46.88
CA LYS A 75 9.68 -2.49 45.76
C LYS A 75 8.53 -3.32 45.21
N VAL A 76 7.60 -3.78 46.04
CA VAL A 76 6.43 -4.47 45.51
C VAL A 76 5.17 -3.62 45.54
N LYS A 77 5.27 -2.37 46.01
CA LYS A 77 4.26 -1.39 45.61
C LYS A 77 4.45 -1.03 44.14
N LEU A 78 5.68 -1.12 43.63
CA LEU A 78 5.90 -1.04 42.19
C LEU A 78 5.37 -2.25 41.47
N ILE A 79 5.41 -3.43 42.11
CA ILE A 79 4.86 -4.63 41.48
C ILE A 79 3.33 -4.58 41.52
N LYS A 80 2.76 -4.20 42.65
CA LYS A 80 1.31 -4.01 42.71
C LYS A 80 0.87 -2.96 41.68
N GLN A 81 1.70 -1.96 41.44
CA GLN A 81 1.41 -0.99 40.38
C GLN A 81 1.47 -1.64 39.01
N GLU A 82 2.57 -2.35 38.72
CA GLU A 82 2.76 -2.92 37.39
C GLU A 82 1.70 -3.95 37.06
N LEU A 83 1.17 -4.64 38.06
CA LEU A 83 0.19 -5.68 37.76
C LEU A 83 -1.19 -5.09 37.54
N ASP A 84 -1.56 -4.06 38.30
CA ASP A 84 -2.82 -3.37 38.02
C ASP A 84 -2.83 -2.86 36.59
N LYS A 85 -1.67 -2.43 36.07
CA LYS A 85 -1.57 -2.12 34.65
C LYS A 85 -1.91 -3.34 33.79
N TYR A 86 -1.54 -4.54 34.26
CA TYR A 86 -1.76 -5.75 33.49
C TYR A 86 -3.21 -6.19 33.51
N LYS A 87 -3.86 -6.15 34.69
CA LYS A 87 -5.28 -6.51 34.75
C LYS A 87 -6.14 -5.50 34.03
N ASN A 88 -5.79 -4.21 34.13
CA ASN A 88 -6.51 -3.22 33.37
C ASN A 88 -6.35 -3.45 31.88
N ALA A 89 -5.17 -3.88 31.46
CA ALA A 89 -4.99 -4.19 30.04
C ALA A 89 -5.92 -5.30 29.60
N VAL A 90 -6.13 -6.32 30.43
CA VAL A 90 -6.97 -7.42 29.99
C VAL A 90 -8.44 -7.03 30.03
N THR A 91 -8.87 -6.25 31.03
CA THR A 91 -10.30 -5.94 31.12
C THR A 91 -10.72 -4.93 30.06
N GLU A 92 -9.80 -4.05 29.62
CA GLU A 92 -10.12 -3.16 28.52
C GLU A 92 -10.11 -3.89 27.19
N LEU A 93 -9.33 -4.97 27.09
CA LEU A 93 -9.34 -5.76 25.86
C LEU A 93 -10.66 -6.51 25.71
N GLN A 94 -11.18 -7.03 26.80
CA GLN A 94 -12.43 -7.77 26.69
C GLN A 94 -13.57 -6.83 26.52
N LEU A 95 -13.44 -5.64 27.08
CA LEU A 95 -14.43 -4.61 26.91
C LEU A 95 -14.44 -4.17 25.47
N LEU A 96 -13.27 -4.10 24.87
CA LEU A 96 -13.11 -3.75 23.48
C LEU A 96 -13.73 -4.77 22.53
N MET A 97 -13.75 -6.02 22.92
CA MET A 97 -14.27 -7.07 22.07
C MET A 97 -15.75 -7.41 22.15
N GLN A 98 -16.57 -6.49 22.63
CA GLN A 98 -18.02 -6.68 22.71
C GLN A 98 -18.72 -6.85 21.36
N SER A 99 -18.14 -6.31 20.30
CA SER A 99 -18.68 -6.44 18.96
C SER A 99 -17.65 -7.03 18.02
N THR A 100 -18.13 -7.68 16.96
CA THR A 100 -17.31 -8.28 15.93
C THR A 100 -16.42 -7.22 15.27
N PRO A 101 -15.16 -7.54 14.98
CA PRO A 101 -14.26 -6.52 14.43
C PRO A 101 -14.69 -6.07 13.04
N ALA A 102 -14.30 -4.85 12.70
CA ALA A 102 -14.62 -4.25 11.41
C ALA A 102 -13.71 -3.06 11.18
N THR A 103 -13.66 -2.60 9.93
CA THR A 103 -12.87 -1.41 9.63
C THR A 103 -13.51 -0.61 8.50
N ASN A 104 -13.13 0.67 8.47
CA ASN A 104 -13.57 1.69 7.51
C ASN A 104 -13.94 1.17 6.12
N PHE A 137 -6.49 9.07 -12.13
CA PHE A 137 -7.80 9.69 -12.35
C PHE A 137 -8.90 8.67 -12.20
N LEU A 138 -8.64 7.50 -12.77
CA LEU A 138 -9.64 6.47 -12.95
C LEU A 138 -9.88 5.65 -11.71
N GLY A 139 -9.42 6.13 -10.55
CA GLY A 139 -9.64 5.38 -9.33
C GLY A 139 -11.10 5.16 -9.00
N PHE A 140 -11.98 6.04 -9.49
CA PHE A 140 -13.41 5.86 -9.20
C PHE A 140 -13.96 4.59 -9.82
N LEU A 141 -13.29 4.06 -10.85
CA LEU A 141 -13.68 2.85 -11.56
C LEU A 141 -13.43 1.56 -10.77
N LEU A 142 -12.74 1.61 -9.63
CA LEU A 142 -12.44 0.39 -8.92
C LEU A 142 -13.68 -0.19 -8.25
N GLY A 143 -13.66 -1.51 -8.04
CA GLY A 143 -14.68 -2.16 -7.24
C GLY A 143 -14.51 -1.81 -5.79
N VAL A 144 -15.10 -2.59 -4.89
CA VAL A 144 -15.07 -2.31 -3.45
C VAL A 144 -14.95 -3.65 -2.71
N GLY A 145 -13.81 -3.88 -2.08
CA GLY A 145 -13.61 -5.07 -1.27
C GLY A 145 -13.79 -4.78 0.20
N SER A 146 -13.65 -5.84 1.00
CA SER A 146 -13.66 -5.68 2.45
C SER A 146 -12.40 -6.40 2.94
N ALA A 147 -11.34 -5.62 3.19
CA ALA A 147 -9.98 -6.13 3.35
C ALA A 147 -9.90 -7.28 4.35
N ILE A 148 -10.52 -7.14 5.52
CA ILE A 148 -10.30 -8.08 6.61
C ILE A 148 -11.41 -9.14 6.68
N ALA A 149 -12.18 -9.32 5.60
CA ALA A 149 -13.26 -10.30 5.62
C ALA A 149 -12.74 -11.70 5.93
N SER A 150 -11.58 -12.06 5.36
CA SER A 150 -11.02 -13.39 5.58
C SER A 150 -10.52 -13.53 7.01
N GLY A 151 -9.83 -12.52 7.54
CA GLY A 151 -9.39 -12.57 8.92
C GLY A 151 -10.57 -12.63 9.88
N VAL A 152 -11.59 -11.79 9.64
CA VAL A 152 -12.79 -11.81 10.49
C VAL A 152 -13.46 -13.18 10.44
N ALA A 153 -13.42 -13.86 9.28
CA ALA A 153 -14.03 -15.18 9.21
C ALA A 153 -13.30 -16.18 10.10
N VAL A 154 -11.96 -16.13 10.13
CA VAL A 154 -11.18 -17.02 10.99
C VAL A 154 -11.46 -16.69 12.45
N CYS A 155 -11.49 -15.41 12.80
CA CYS A 155 -11.71 -15.00 14.18
C CYS A 155 -13.09 -15.40 14.65
N LYS A 156 -14.05 -15.46 13.73
CA LYS A 156 -15.41 -15.86 14.11
C LYS A 156 -15.44 -17.30 14.58
N VAL A 157 -14.78 -18.21 13.86
CA VAL A 157 -14.78 -19.62 14.26
C VAL A 157 -13.95 -19.84 15.52
N LEU A 158 -13.09 -18.89 15.88
CA LEU A 158 -12.38 -18.98 17.15
C LEU A 158 -13.30 -18.81 18.36
N HIS A 159 -14.53 -18.32 18.16
CA HIS A 159 -15.45 -18.15 19.27
C HIS A 159 -16.22 -19.42 19.61
N LEU A 160 -16.24 -20.40 18.70
CA LEU A 160 -16.93 -21.66 18.97
C LEU A 160 -16.24 -22.41 20.10
N GLU A 161 -17.03 -23.21 20.82
CA GLU A 161 -16.58 -23.77 22.10
C GLU A 161 -15.29 -24.55 21.95
N GLY A 162 -15.29 -25.62 21.15
CA GLY A 162 -14.11 -26.45 21.08
C GLY A 162 -12.89 -25.77 20.50
N GLU A 163 -13.08 -24.62 19.84
CA GLU A 163 -12.01 -24.03 19.05
C GLU A 163 -10.92 -23.41 19.92
N VAL A 164 -11.31 -22.60 20.91
CA VAL A 164 -10.32 -21.90 21.70
C VAL A 164 -9.36 -22.87 22.38
N ASN A 165 -9.90 -24.00 22.87
CA ASN A 165 -9.06 -24.94 23.60
C ASN A 165 -8.29 -25.88 22.69
N LYS A 166 -8.68 -26.00 21.42
CA LYS A 166 -7.85 -26.72 20.46
C LYS A 166 -6.50 -26.02 20.32
N ILE A 167 -6.51 -24.69 20.33
CA ILE A 167 -5.28 -23.91 20.19
C ILE A 167 -4.48 -23.94 21.49
N LYS A 168 -5.13 -23.64 22.61
CA LYS A 168 -4.55 -23.86 23.93
C LYS A 168 -3.83 -25.20 24.01
N SER A 169 -4.42 -26.26 23.46
CA SER A 169 -3.81 -27.58 23.52
C SER A 169 -2.55 -27.67 22.67
N ALA A 170 -2.60 -27.16 21.44
CA ALA A 170 -1.54 -27.43 20.48
C ALA A 170 -0.21 -26.81 20.91
N LEU A 171 -0.27 -25.65 21.56
CA LEU A 171 0.93 -24.90 21.94
C LEU A 171 1.25 -25.05 23.42
N LEU A 172 0.82 -26.14 24.05
CA LEU A 172 1.30 -26.43 25.39
C LEU A 172 2.74 -26.91 25.36
N SER A 173 3.13 -27.65 24.33
CA SER A 173 4.46 -28.22 24.22
C SER A 173 5.41 -27.38 23.34
N THR A 174 4.86 -26.52 22.48
CA THR A 174 5.64 -25.75 21.51
C THR A 174 5.09 -24.32 21.49
N ASN A 175 5.76 -23.47 20.71
CA ASN A 175 5.31 -22.10 20.49
C ASN A 175 4.75 -21.85 19.10
N LYS A 176 5.05 -22.71 18.12
CA LYS A 176 4.53 -22.60 16.78
C LYS A 176 3.95 -23.94 16.38
N ALA A 177 2.69 -23.93 15.94
CA ALA A 177 2.01 -25.17 15.57
C ALA A 177 0.89 -24.84 14.58
N VAL A 178 0.66 -25.77 13.65
CA VAL A 178 -0.48 -25.68 12.75
C VAL A 178 -1.68 -26.33 13.40
N VAL A 179 -2.82 -25.65 13.38
CA VAL A 179 -4.07 -26.19 13.87
C VAL A 179 -5.08 -26.17 12.72
N SER A 180 -5.79 -27.28 12.53
CA SER A 180 -6.90 -27.35 11.60
C SER A 180 -8.19 -27.14 12.38
N LEU A 181 -8.91 -26.06 12.05
CA LEU A 181 -10.02 -25.61 12.86
C LEU A 181 -11.35 -26.23 12.40
N SER A 182 -12.40 -25.91 13.16
CA SER A 182 -13.73 -26.52 13.04
C SER A 182 -14.22 -26.65 11.61
N ASN A 183 -14.04 -25.59 10.81
CA ASN A 183 -14.61 -25.53 9.47
C ASN A 183 -13.62 -25.95 8.39
N GLY A 184 -12.47 -26.49 8.77
CA GLY A 184 -11.50 -26.98 7.81
C GLY A 184 -10.31 -26.08 7.58
N VAL A 185 -10.36 -24.83 8.06
CA VAL A 185 -9.22 -23.93 7.92
C VAL A 185 -8.05 -24.48 8.70
N SER A 186 -6.88 -24.52 8.06
CA SER A 186 -5.64 -25.00 8.66
C SER A 186 -4.73 -23.79 8.80
N VAL A 187 -4.75 -23.19 9.99
CA VAL A 187 -4.03 -21.96 10.27
C VAL A 187 -2.77 -22.27 11.06
N LEU A 188 -1.81 -21.35 10.95
CA LEU A 188 -0.62 -21.35 11.81
C LEU A 188 -0.92 -20.57 13.07
N THR A 189 -0.67 -21.17 14.22
CA THR A 189 -0.81 -20.46 15.48
C THR A 189 0.54 -20.37 16.16
N PHE A 190 0.68 -19.36 16.98
CA PHE A 190 1.94 -19.05 17.55
C PHE A 190 1.70 -18.48 18.92
N LYS A 191 2.52 -18.85 19.89
CA LYS A 191 2.37 -18.29 21.21
C LYS A 191 3.58 -17.40 21.32
N VAL A 192 3.37 -16.10 21.44
CA VAL A 192 4.51 -15.20 21.48
C VAL A 192 4.94 -14.70 22.84
N LEU A 193 4.05 -14.75 23.81
CA LEU A 193 4.40 -14.33 25.13
C LEU A 193 3.70 -15.26 26.07
N ASP A 194 4.31 -15.59 27.18
CA ASP A 194 3.70 -16.52 28.11
C ASP A 194 3.70 -15.93 29.48
N LEU A 195 2.86 -14.95 29.67
CA LEU A 195 2.73 -14.28 30.93
C LEU A 195 2.27 -15.17 32.03
N LYS A 196 1.37 -16.10 31.73
CA LYS A 196 0.80 -16.90 32.78
C LYS A 196 1.80 -17.68 33.57
N ASN A 197 2.68 -18.43 32.92
CA ASN A 197 3.66 -19.14 33.72
C ASN A 197 4.70 -18.22 34.28
N TYR A 198 5.00 -17.12 33.62
CA TYR A 198 5.94 -16.22 34.23
C TYR A 198 5.34 -15.70 35.50
N ILE A 199 4.09 -15.28 35.47
CA ILE A 199 3.47 -14.78 36.67
C ILE A 199 3.28 -15.87 37.71
N ASP A 200 2.79 -17.01 37.27
CA ASP A 200 2.52 -18.09 38.21
C ASP A 200 3.76 -18.62 38.89
N LYS A 201 4.82 -18.77 38.13
CA LYS A 201 6.03 -19.33 38.67
C LYS A 201 6.97 -18.31 39.26
N GLN A 202 6.59 -17.05 39.23
CA GLN A 202 7.43 -16.03 39.83
C GLN A 202 6.61 -15.13 40.72
N LEU A 203 5.82 -14.29 40.13
CA LEU A 203 5.05 -13.37 40.95
C LEU A 203 4.11 -13.99 41.96
N LEU A 204 3.49 -15.09 41.59
CA LEU A 204 2.48 -15.71 42.44
C LEU A 204 2.96 -16.13 43.79
N PRO A 205 4.21 -16.60 43.89
CA PRO A 205 4.72 -17.10 45.15
C PRO A 205 4.64 -16.07 46.25
N ILE A 206 4.96 -14.82 45.95
CA ILE A 206 4.87 -13.74 46.91
C ILE A 206 3.45 -13.21 47.07
N SER A 211 2.83 -10.83 54.52
CA SER A 211 3.04 -11.97 53.64
C SER A 211 3.28 -11.54 52.21
N CYS A 212 3.03 -10.27 51.93
CA CYS A 212 3.12 -9.78 50.58
C CYS A 212 4.36 -9.02 50.33
N SER A 213 5.40 -9.21 51.11
CA SER A 213 6.57 -8.36 50.88
C SER A 213 7.95 -8.85 50.50
N ILE A 214 8.17 -10.13 50.30
CA ILE A 214 9.55 -10.51 50.03
C ILE A 214 9.95 -10.49 48.59
N SER A 215 10.60 -9.41 48.16
CA SER A 215 11.15 -9.34 46.82
C SER A 215 12.19 -8.33 46.62
N ASN A 216 12.74 -8.35 45.44
CA ASN A 216 13.84 -7.50 45.07
C ASN A 216 13.65 -6.78 43.74
N ILE A 217 14.27 -5.64 43.56
CA ILE A 217 14.13 -4.81 42.37
C ILE A 217 14.49 -5.40 41.02
N GLU A 218 15.28 -6.44 40.97
CA GLU A 218 15.62 -7.03 39.69
C GLU A 218 14.41 -7.69 39.04
N THR A 219 13.43 -8.12 39.83
CA THR A 219 12.22 -8.72 39.26
C THR A 219 11.17 -7.68 38.89
N VAL A 220 11.11 -6.56 39.63
CA VAL A 220 10.25 -5.45 39.23
C VAL A 220 10.53 -5.06 37.80
N ILE A 221 11.81 -5.00 37.44
CA ILE A 221 12.22 -4.50 36.14
C ILE A 221 11.87 -5.51 35.05
N GLU A 222 12.19 -6.78 35.28
CA GLU A 222 11.85 -7.79 34.27
C GLU A 222 10.34 -7.93 34.13
N PHE A 223 9.58 -7.79 35.21
CA PHE A 223 8.13 -7.82 35.06
C PHE A 223 7.66 -6.65 34.20
N GLN A 224 8.23 -5.46 34.41
CA GLN A 224 7.86 -4.31 33.60
C GLN A 224 8.13 -4.56 32.12
N GLN A 225 9.16 -5.34 31.80
CA GLN A 225 9.55 -5.54 30.42
C GLN A 225 8.76 -6.66 29.75
N LYS A 226 8.57 -7.78 30.44
CA LYS A 226 7.71 -8.83 29.91
C LYS A 226 6.30 -8.32 29.71
N ASN A 227 5.83 -7.48 30.62
CA ASN A 227 4.46 -6.99 30.57
C ASN A 227 4.29 -5.88 29.54
N ASN A 228 5.36 -5.12 29.27
CA ASN A 228 5.23 -3.92 28.44
C ASN A 228 4.63 -4.25 27.08
N ARG A 229 5.00 -5.39 26.51
CA ARG A 229 4.48 -5.77 25.20
C ARG A 229 2.96 -5.90 25.24
N LEU A 230 2.43 -6.57 26.27
CA LEU A 230 0.98 -6.65 26.40
C LEU A 230 0.37 -5.26 26.55
N LEU A 231 0.99 -4.41 27.36
CA LEU A 231 0.47 -3.06 27.53
C LEU A 231 0.39 -2.33 26.20
N GLU A 232 1.42 -2.49 25.35
CA GLU A 232 1.49 -1.73 24.11
C GLU A 232 0.62 -2.32 23.01
N ILE A 233 0.41 -3.64 23.00
CA ILE A 233 -0.59 -4.22 22.12
C ILE A 233 -1.98 -3.70 22.49
N THR A 234 -2.33 -3.72 23.78
CA THR A 234 -3.65 -3.24 24.22
C THR A 234 -3.88 -1.84 23.73
N ARG A 235 -2.79 -1.14 23.68
CA ARG A 235 -2.68 0.23 23.29
C ARG A 235 -3.06 0.48 21.84
N GLU A 236 -2.32 -0.16 20.94
CA GLU A 236 -2.59 -0.11 19.52
C GLU A 236 -4.06 -0.39 19.25
N PHE A 237 -4.59 -1.42 19.89
CA PHE A 237 -5.98 -1.80 19.66
C PHE A 237 -6.95 -0.78 20.22
N SER A 238 -6.55 -0.02 21.24
CA SER A 238 -7.46 0.94 21.85
C SER A 238 -7.68 2.16 20.96
N VAL A 239 -6.69 2.56 20.16
CA VAL A 239 -6.84 3.71 19.26
C VAL A 239 -7.15 3.27 17.84
N ASN A 240 -7.46 1.99 17.62
CA ASN A 240 -7.66 1.47 16.28
C ASN A 240 -8.92 0.62 16.18
N ALA A 241 -9.76 0.63 17.20
CA ALA A 241 -10.98 -0.16 17.22
C ALA A 241 -10.71 -1.61 16.87
N GLY A 242 -9.56 -2.11 17.32
CA GLY A 242 -9.26 -3.53 17.24
C GLY A 242 -8.78 -4.03 15.90
N VAL A 243 -8.36 -3.15 14.99
CA VAL A 243 -7.74 -3.55 13.71
C VAL A 243 -6.62 -2.58 13.41
N THR A 244 -5.38 -3.06 13.39
CA THR A 244 -4.24 -2.21 13.12
C THR A 244 -3.58 -2.63 11.81
N THR A 245 -2.97 -1.63 11.14
CA THR A 245 -2.23 -1.78 9.91
C THR A 245 -1.43 -0.51 9.69
N PRO A 246 -0.11 -0.58 9.45
CA PRO A 246 0.68 -1.81 9.39
C PRO A 246 0.77 -2.54 10.72
N VAL A 247 1.16 -3.81 10.67
CA VAL A 247 1.31 -4.64 11.87
C VAL A 247 2.70 -4.39 12.45
N SER A 248 2.72 -4.04 13.72
CA SER A 248 3.95 -3.76 14.44
C SER A 248 4.58 -5.03 15.03
N THR A 249 5.87 -4.93 15.46
CA THR A 249 6.48 -6.01 16.22
C THR A 249 6.02 -6.06 17.64
N TYR A 250 5.15 -5.18 18.10
CA TYR A 250 4.50 -5.56 19.35
C TYR A 250 3.49 -6.66 19.08
N MET A 251 2.82 -6.56 17.92
CA MET A 251 2.03 -7.69 17.42
C MET A 251 2.91 -8.84 16.97
N LEU A 252 4.05 -8.56 16.31
CA LEU A 252 4.82 -9.62 15.65
C LEU A 252 6.27 -9.15 15.46
N THR A 253 7.16 -9.55 16.37
CA THR A 253 8.55 -9.11 16.25
C THR A 253 9.15 -9.55 14.93
N ASN A 254 10.24 -8.87 14.54
CA ASN A 254 10.83 -9.12 13.25
C ASN A 254 11.29 -10.56 13.11
N SER A 255 11.81 -11.15 14.19
CA SER A 255 12.18 -12.56 14.15
C SER A 255 10.97 -13.47 14.21
N GLU A 256 9.93 -13.05 14.94
CA GLU A 256 8.68 -13.81 14.93
C GLU A 256 8.08 -13.85 13.53
N LEU A 257 8.07 -12.70 12.84
CA LEU A 257 7.47 -12.62 11.51
C LEU A 257 8.26 -13.43 10.50
N LEU A 258 9.58 -13.21 10.44
CA LEU A 258 10.45 -14.01 9.56
C LEU A 258 10.20 -15.49 9.78
N SER A 259 10.12 -15.91 11.04
CA SER A 259 9.90 -17.32 11.36
C SER A 259 8.52 -17.78 10.92
N LEU A 260 7.50 -16.95 11.17
CA LEU A 260 6.17 -17.27 10.67
C LEU A 260 6.15 -17.32 9.15
N ILE A 261 6.89 -16.42 8.49
CA ILE A 261 6.99 -16.46 7.03
C ILE A 261 7.64 -17.75 6.57
N ASN A 262 8.74 -18.14 7.23
CA ASN A 262 9.45 -19.33 6.81
C ASN A 262 8.62 -20.59 7.08
N ASP A 263 7.87 -20.60 8.19
CA ASP A 263 6.98 -21.70 8.48
C ASP A 263 5.69 -21.64 7.66
N MET A 264 5.48 -20.58 6.92
CA MET A 264 4.31 -20.52 6.08
C MET A 264 4.49 -21.44 4.88
N PRO A 265 3.56 -22.32 4.62
CA PRO A 265 3.69 -23.20 3.44
C PRO A 265 3.38 -22.49 2.13
N ILE A 266 4.38 -21.77 1.62
CA ILE A 266 4.37 -21.16 0.30
C ILE A 266 5.62 -21.63 -0.44
N THR A 267 5.84 -21.10 -1.64
CA THR A 267 7.07 -21.43 -2.32
C THR A 267 8.26 -20.76 -1.64
N ASN A 268 9.46 -21.29 -1.90
CA ASN A 268 10.66 -20.68 -1.34
C ASN A 268 10.98 -19.36 -2.05
N ASP A 269 10.51 -19.18 -3.28
CA ASP A 269 10.59 -17.88 -3.95
C ASP A 269 9.81 -16.83 -3.16
N GLN A 270 8.56 -17.16 -2.80
CA GLN A 270 7.73 -16.26 -2.02
C GLN A 270 8.34 -16.04 -0.64
N LYS A 271 8.96 -17.07 -0.05
CA LYS A 271 9.61 -16.92 1.24
C LYS A 271 10.78 -15.94 1.16
N LYS A 272 11.64 -16.10 0.15
CA LYS A 272 12.77 -15.18 -0.02
C LYS A 272 12.30 -13.76 -0.24
N LEU A 273 11.26 -13.58 -1.07
CA LEU A 273 10.75 -12.24 -1.35
C LEU A 273 10.18 -11.60 -0.10
N MET A 274 9.30 -12.33 0.61
CA MET A 274 8.74 -11.77 1.84
C MET A 274 9.80 -11.53 2.89
N SER A 275 10.83 -12.37 2.94
CA SER A 275 11.87 -12.17 3.93
C SER A 275 12.74 -10.97 3.60
N ASN A 276 12.90 -10.66 2.32
CA ASN A 276 13.75 -9.56 1.92
C ASN A 276 13.06 -8.22 1.94
N ASN A 277 11.74 -8.18 2.13
CA ASN A 277 11.01 -6.94 2.22
C ASN A 277 10.02 -7.03 3.37
N VAL A 278 10.56 -7.27 4.57
CA VAL A 278 9.71 -7.42 5.75
C VAL A 278 8.95 -6.13 6.03
N GLN A 279 9.60 -4.98 5.79
CA GLN A 279 8.93 -3.71 6.00
C GLN A 279 7.71 -3.57 5.11
N ILE A 280 7.73 -4.16 3.91
CA ILE A 280 6.56 -4.06 3.03
C ILE A 280 5.45 -5.00 3.48
N VAL A 281 5.80 -6.24 3.81
CA VAL A 281 4.81 -7.20 4.32
C VAL A 281 4.04 -6.59 5.48
N ARG A 282 4.73 -5.84 6.35
CA ARG A 282 4.08 -5.20 7.48
C ARG A 282 3.05 -4.19 7.03
N GLN A 283 3.40 -3.35 6.06
CA GLN A 283 2.48 -2.32 5.60
C GLN A 283 1.25 -2.92 4.93
N GLN A 284 1.35 -4.15 4.43
CA GLN A 284 0.25 -4.79 3.72
C GLN A 284 -0.48 -5.80 4.60
N SER A 285 -0.21 -5.84 5.89
CA SER A 285 -0.87 -6.79 6.77
C SER A 285 -1.82 -6.07 7.71
N TYR A 286 -2.77 -6.84 8.26
CA TYR A 286 -3.67 -6.38 9.30
C TYR A 286 -3.50 -7.25 10.53
N SER A 287 -3.68 -6.63 11.69
CA SER A 287 -3.72 -7.34 12.97
C SER A 287 -5.12 -7.14 13.53
N ILE A 288 -5.88 -8.23 13.63
CA ILE A 288 -7.30 -8.15 14.00
C ILE A 288 -7.46 -8.72 15.40
N MET A 289 -7.85 -7.85 16.33
CA MET A 289 -8.10 -8.26 17.71
C MET A 289 -9.25 -9.25 17.77
N CYS A 290 -9.00 -10.42 18.35
CA CYS A 290 -9.94 -11.52 18.21
C CYS A 290 -10.73 -11.86 19.47
N ILE A 291 -10.12 -12.62 20.38
CA ILE A 291 -10.86 -13.21 21.50
C ILE A 291 -9.95 -13.28 22.72
N ILE A 292 -10.56 -13.14 23.90
CA ILE A 292 -9.92 -13.44 25.18
C ILE A 292 -10.81 -14.45 25.88
N LYS A 293 -10.32 -15.67 26.05
CA LYS A 293 -11.15 -16.76 26.55
C LYS A 293 -10.24 -17.84 27.09
N GLU A 294 -10.44 -18.22 28.35
CA GLU A 294 -9.66 -19.27 28.98
C GLU A 294 -8.16 -18.92 28.96
N GLU A 295 -7.84 -17.80 29.61
CA GLU A 295 -6.45 -17.38 29.84
C GLU A 295 -5.60 -17.33 28.57
N VAL A 296 -6.20 -17.30 27.39
CA VAL A 296 -5.43 -17.10 26.16
C VAL A 296 -5.97 -15.87 25.46
N LEU A 297 -5.06 -14.98 25.09
CA LEU A 297 -5.39 -13.80 24.31
C LEU A 297 -4.99 -14.06 22.87
N ALA A 298 -5.94 -13.93 21.95
CA ALA A 298 -5.73 -14.28 20.55
C ALA A 298 -6.10 -13.11 19.68
N TYR A 299 -5.25 -12.81 18.69
CA TYR A 299 -5.54 -11.85 17.64
C TYR A 299 -5.01 -12.40 16.34
N VAL A 300 -5.78 -12.22 15.28
CA VAL A 300 -5.43 -12.77 13.98
C VAL A 300 -4.53 -11.78 13.27
N VAL A 301 -3.43 -12.26 12.73
CA VAL A 301 -2.60 -11.46 11.84
C VAL A 301 -2.78 -12.00 10.42
N GLN A 302 -3.26 -11.12 9.54
CA GLN A 302 -3.62 -11.45 8.17
C GLN A 302 -2.51 -10.93 7.26
N LEU A 303 -1.84 -11.85 6.55
CA LEU A 303 -0.63 -11.49 5.80
C LEU A 303 -0.84 -11.60 4.29
N PRO A 304 -0.09 -10.83 3.50
CA PRO A 304 -0.32 -10.87 2.04
C PRO A 304 0.20 -12.14 1.41
N LEU A 305 -0.55 -12.65 0.44
CA LEU A 305 -0.12 -13.70 -0.47
C LEU A 305 0.26 -13.07 -1.80
N TYR A 306 1.44 -13.39 -2.30
CA TYR A 306 1.95 -12.78 -3.53
C TYR A 306 1.85 -13.82 -4.66
N GLY A 307 0.65 -13.93 -5.24
CA GLY A 307 0.41 -14.93 -6.26
C GLY A 307 1.02 -14.59 -7.61
N VAL A 308 1.36 -13.33 -7.86
CA VAL A 308 2.02 -12.91 -9.08
C VAL A 308 3.36 -12.31 -8.70
N ILE A 309 4.43 -12.87 -9.26
CA ILE A 309 5.79 -12.45 -8.93
C ILE A 309 6.58 -12.37 -10.22
N ASP A 310 7.32 -11.27 -10.38
CA ASP A 310 8.34 -11.15 -11.42
C ASP A 310 7.75 -11.05 -12.82
N THR A 311 6.51 -10.54 -12.92
CA THR A 311 6.04 -10.21 -14.26
C THR A 311 6.42 -8.78 -14.58
N PRO A 312 6.51 -8.44 -15.87
CA PRO A 312 6.85 -7.06 -16.25
C PRO A 312 5.89 -6.05 -15.67
N CYS A 313 6.43 -4.93 -15.23
CA CYS A 313 5.65 -3.78 -14.80
C CYS A 313 6.16 -2.53 -15.50
N TRP A 314 5.26 -1.55 -15.59
CA TRP A 314 5.61 -0.25 -16.15
C TRP A 314 4.64 0.78 -15.60
N LYS A 315 5.15 2.00 -15.43
CA LYS A 315 4.40 3.11 -14.88
C LYS A 315 4.14 4.16 -15.95
N LEU A 316 2.88 4.51 -16.16
CA LEU A 316 2.49 5.48 -17.16
C LEU A 316 2.24 6.83 -16.49
N HIS A 317 3.01 7.84 -16.90
CA HIS A 317 2.83 9.22 -16.45
C HIS A 317 2.20 10.02 -17.57
N THR A 318 1.18 10.80 -17.25
CA THR A 318 0.53 11.69 -18.21
C THR A 318 0.45 13.11 -17.64
N SER A 319 0.48 14.08 -18.55
CA SER A 319 0.32 15.49 -18.22
C SER A 319 -0.53 16.15 -19.31
N PRO A 320 -1.12 17.32 -19.03
CA PRO A 320 -2.03 17.93 -20.01
C PRO A 320 -1.32 18.46 -21.25
N LEU A 321 -1.90 18.16 -22.42
CA LEU A 321 -1.40 18.61 -23.72
C LEU A 321 -2.36 19.67 -24.27
N CYS A 322 -1.85 20.87 -24.51
CA CYS A 322 -2.70 21.98 -24.89
C CYS A 322 -2.17 22.69 -26.11
N THR A 323 -3.06 23.39 -26.78
CA THR A 323 -2.63 24.32 -27.81
C THR A 323 -2.03 25.55 -27.15
N THR A 324 -1.30 26.33 -27.93
CA THR A 324 -0.46 27.38 -27.36
C THR A 324 -0.75 28.72 -28.00
N ASN A 325 -1.99 28.94 -28.44
CA ASN A 325 -2.33 30.23 -29.04
C ASN A 325 -2.14 31.36 -28.03
N THR A 326 -1.85 32.55 -28.55
CA THR A 326 -1.48 33.66 -27.68
C THR A 326 -2.70 34.36 -27.10
N LYS A 327 -3.84 34.34 -27.79
CA LYS A 327 -5.09 34.87 -27.23
C LYS A 327 -5.55 33.92 -26.13
N GLU A 328 -5.38 34.33 -24.88
CA GLU A 328 -5.59 33.42 -23.75
C GLU A 328 -7.07 33.09 -23.58
N GLY A 329 -7.36 31.80 -23.39
CA GLY A 329 -8.71 31.29 -23.36
C GLY A 329 -9.15 30.61 -24.65
N SER A 330 -8.43 30.84 -25.75
CA SER A 330 -8.71 30.20 -27.02
C SER A 330 -8.05 28.84 -27.15
N ASN A 331 -7.46 28.32 -26.08
CA ASN A 331 -6.73 27.07 -26.15
C ASN A 331 -7.63 25.90 -25.76
N ILE A 332 -7.30 24.72 -26.30
CA ILE A 332 -7.96 23.47 -25.96
C ILE A 332 -6.91 22.49 -25.47
N CYS A 333 -7.27 21.75 -24.43
CA CYS A 333 -6.36 20.81 -23.79
C CYS A 333 -6.94 19.42 -23.85
N LEU A 334 -6.08 18.46 -23.56
CA LEU A 334 -6.38 17.04 -23.66
C LEU A 334 -5.36 16.32 -22.78
N THR A 335 -5.84 15.42 -21.91
CA THR A 335 -4.98 14.66 -21.00
C THR A 335 -5.36 13.19 -21.04
N ARG A 336 -4.37 12.32 -21.28
CA ARG A 336 -4.59 10.90 -21.12
C ARG A 336 -4.90 10.58 -19.66
N THR A 337 -6.01 9.86 -19.43
CA THR A 337 -6.42 9.57 -18.06
C THR A 337 -6.02 8.19 -17.58
N ASP A 338 -5.38 7.37 -18.42
CA ASP A 338 -5.01 6.01 -18.04
C ASP A 338 -3.64 5.95 -17.34
N ARG A 339 -3.23 7.00 -16.66
CA ARG A 339 -1.99 6.96 -15.89
C ARG A 339 -2.15 6.06 -14.66
N GLY A 340 -1.02 5.48 -14.21
CA GLY A 340 -0.96 4.55 -13.11
C GLY A 340 0.10 3.49 -13.36
N TRP A 341 0.07 2.45 -12.52
CA TRP A 341 0.95 1.30 -12.68
C TRP A 341 0.26 0.22 -13.51
N TYR A 342 1.06 -0.46 -14.34
CA TYR A 342 0.60 -1.55 -15.20
C TYR A 342 1.54 -2.74 -15.01
N CYS A 343 0.99 -3.92 -14.75
CA CYS A 343 1.78 -5.14 -14.66
C CYS A 343 1.08 -6.26 -15.42
N ASP A 344 1.80 -6.90 -16.35
CA ASP A 344 1.29 -8.13 -16.97
C ASP A 344 0.87 -9.11 -15.88
N ASN A 345 -0.30 -9.71 -16.06
CA ASN A 345 -0.82 -10.62 -15.05
C ASN A 345 -1.84 -11.55 -15.71
N ALA A 346 -1.47 -12.82 -15.89
CA ALA A 346 -2.40 -13.87 -16.35
C ALA A 346 -2.99 -13.58 -17.74
N GLY A 347 -2.18 -13.04 -18.64
CA GLY A 347 -2.66 -12.77 -19.98
C GLY A 347 -3.43 -11.48 -20.15
N SER A 348 -3.84 -10.85 -19.06
CA SER A 348 -4.36 -9.50 -19.10
C SER A 348 -3.33 -8.56 -18.49
N VAL A 349 -3.71 -7.31 -18.29
CA VAL A 349 -2.87 -6.33 -17.62
C VAL A 349 -3.60 -5.87 -16.37
N SER A 350 -2.94 -5.99 -15.23
CA SER A 350 -3.46 -5.43 -13.99
C SER A 350 -3.11 -3.95 -13.93
N PHE A 351 -4.14 -3.09 -13.91
CA PHE A 351 -3.95 -1.65 -13.96
C PHE A 351 -4.30 -1.03 -12.61
N PHE A 352 -3.41 -0.20 -12.09
CA PHE A 352 -3.57 0.42 -10.77
C PHE A 352 -3.68 1.93 -10.95
N PRO A 353 -4.90 2.49 -10.93
CA PRO A 353 -5.06 3.90 -11.33
C PRO A 353 -4.52 4.88 -10.31
N GLN A 354 -4.52 4.54 -9.01
CA GLN A 354 -3.98 5.40 -7.96
C GLN A 354 -2.57 4.92 -7.66
N ALA A 355 -1.58 5.44 -8.39
CA ALA A 355 -0.20 4.94 -8.37
C ALA A 355 0.52 5.09 -7.03
N GLU A 356 -0.18 5.64 -6.04
CA GLU A 356 0.36 5.81 -4.70
C GLU A 356 0.05 4.63 -3.78
N THR A 357 -0.82 3.71 -4.21
CA THR A 357 -1.08 2.50 -3.44
C THR A 357 0.02 1.46 -3.62
N CYS A 358 0.86 1.61 -4.64
CA CYS A 358 1.93 0.66 -4.93
C CYS A 358 3.23 1.15 -4.30
N LYS A 359 3.88 0.26 -3.56
CA LYS A 359 5.18 0.56 -2.96
C LYS A 359 6.27 0.01 -3.87
N VAL A 360 7.28 0.81 -4.15
CA VAL A 360 8.36 0.38 -5.00
C VAL A 360 9.67 0.28 -4.24
N GLN A 361 10.29 -0.88 -4.26
CA GLN A 361 11.57 -1.05 -3.61
C GLN A 361 12.50 -1.49 -4.71
N SER A 362 13.57 -0.74 -4.94
CA SER A 362 14.51 -1.01 -6.02
C SER A 362 13.69 -1.04 -7.28
N ASN A 363 13.72 -2.14 -8.01
CA ASN A 363 12.93 -2.26 -9.21
C ASN A 363 11.76 -3.22 -9.04
N ARG A 364 11.34 -3.45 -7.80
CA ARG A 364 10.22 -4.31 -7.50
C ARG A 364 9.02 -3.47 -7.15
N VAL A 365 7.85 -3.83 -7.65
CA VAL A 365 6.63 -3.07 -7.41
C VAL A 365 5.66 -3.94 -6.64
N PHE A 366 5.33 -3.53 -5.43
CA PHE A 366 4.35 -4.24 -4.60
C PHE A 366 3.00 -3.57 -4.76
N CYS A 367 1.99 -4.33 -5.16
CA CYS A 367 0.68 -3.78 -5.40
C CYS A 367 -0.38 -4.74 -4.87
N ASP A 368 -1.61 -4.23 -4.79
CA ASP A 368 -2.74 -4.95 -4.23
C ASP A 368 -3.80 -5.04 -5.31
N THR A 369 -4.12 -6.26 -5.76
CA THR A 369 -5.08 -6.40 -6.85
C THR A 369 -6.45 -5.85 -6.46
N MET A 370 -6.72 -5.70 -5.16
CA MET A 370 -7.96 -5.06 -4.73
C MET A 370 -8.10 -3.64 -5.26
N ASN A 371 -6.99 -2.99 -5.61
CA ASN A 371 -7.01 -1.63 -6.14
C ASN A 371 -6.70 -1.59 -7.62
N SER A 372 -7.04 -2.66 -8.34
CA SER A 372 -6.67 -2.77 -9.74
C SER A 372 -7.91 -2.96 -10.59
N LEU A 373 -7.77 -2.58 -11.85
CA LEU A 373 -8.64 -3.04 -12.91
C LEU A 373 -7.90 -4.07 -13.74
N THR A 374 -8.65 -4.98 -14.34
CA THR A 374 -8.09 -5.99 -15.23
C THR A 374 -8.43 -5.54 -16.64
N LEU A 375 -7.42 -5.27 -17.44
CA LEU A 375 -7.58 -4.74 -18.79
C LEU A 375 -6.99 -5.69 -19.83
N PRO A 376 -7.48 -5.62 -21.06
CA PRO A 376 -6.81 -6.34 -22.15
C PRO A 376 -5.38 -5.85 -22.31
N SER A 377 -4.47 -6.77 -22.63
CA SER A 377 -3.08 -6.37 -22.81
C SER A 377 -2.93 -5.34 -23.91
N GLU A 378 -3.91 -5.25 -24.81
CA GLU A 378 -3.92 -4.24 -25.88
C GLU A 378 -3.99 -2.83 -25.33
N VAL A 379 -4.18 -2.64 -24.02
CA VAL A 379 -4.16 -1.30 -23.47
C VAL A 379 -2.79 -0.67 -23.68
N ASN A 380 -1.75 -1.49 -23.78
CA ASN A 380 -0.41 -1.00 -24.02
C ASN A 380 -0.29 -0.28 -25.36
N LEU A 381 -1.26 -0.42 -26.26
CA LEU A 381 -1.10 0.16 -27.59
C LEU A 381 -1.20 1.67 -27.60
N CYS A 382 -1.85 2.26 -26.59
CA CYS A 382 -2.04 3.70 -26.50
C CYS A 382 -0.74 4.47 -26.33
N ASN A 383 0.34 3.78 -25.98
CA ASN A 383 1.60 4.48 -25.78
C ASN A 383 2.35 4.71 -27.08
N VAL A 384 2.26 3.80 -28.04
CA VAL A 384 2.85 4.08 -29.34
C VAL A 384 1.86 4.73 -30.28
N ASP A 385 0.58 4.31 -30.26
CA ASP A 385 -0.42 4.88 -31.17
C ASP A 385 -1.73 5.05 -30.41
N ILE A 386 -1.95 6.26 -29.89
CA ILE A 386 -3.19 6.57 -29.18
C ILE A 386 -4.42 6.46 -30.09
N PHE A 387 -4.23 6.39 -31.40
CA PHE A 387 -5.32 6.23 -32.35
C PHE A 387 -5.49 4.80 -32.83
N ASN A 388 -4.93 3.82 -32.13
CA ASN A 388 -4.95 2.45 -32.60
C ASN A 388 -6.37 1.89 -32.61
N PRO A 389 -6.67 0.98 -33.54
CA PRO A 389 -8.06 0.53 -33.71
C PRO A 389 -8.48 -0.57 -32.76
N LYS A 390 -7.55 -1.15 -32.01
CA LYS A 390 -7.87 -2.28 -31.13
C LYS A 390 -8.35 -1.85 -29.74
N TYR A 391 -7.87 -0.72 -29.22
CA TYR A 391 -8.22 -0.28 -27.87
C TYR A 391 -8.53 1.21 -27.87
N ASP A 392 -9.64 1.58 -27.22
CA ASP A 392 -10.13 2.95 -27.18
C ASP A 392 -9.54 3.65 -25.96
N CYS A 393 -8.58 4.54 -26.20
CA CYS A 393 -7.72 5.08 -25.15
C CYS A 393 -8.42 6.20 -24.41
N LYS A 394 -8.45 6.11 -23.08
CA LYS A 394 -9.19 7.08 -22.28
C LYS A 394 -8.41 8.39 -22.23
N ILE A 395 -9.10 9.49 -22.55
CA ILE A 395 -8.57 10.83 -22.42
C ILE A 395 -9.63 11.69 -21.76
N MET A 396 -9.19 12.81 -21.18
CA MET A 396 -10.08 13.86 -20.76
C MET A 396 -9.74 15.14 -21.53
N THR A 397 -10.73 16.03 -21.66
CA THR A 397 -10.56 17.28 -22.39
C THR A 397 -10.93 18.46 -21.50
N SER A 398 -10.33 19.62 -21.78
CA SER A 398 -10.66 20.85 -21.08
C SER A 398 -10.08 22.03 -21.86
N LYS A 399 -10.46 23.24 -21.44
CA LYS A 399 -9.88 24.47 -21.96
C LYS A 399 -8.99 25.15 -20.95
N THR A 400 -8.70 24.49 -19.83
CA THR A 400 -7.95 25.09 -18.73
C THR A 400 -6.47 24.74 -18.93
N ASP A 401 -5.72 25.68 -19.49
CA ASP A 401 -4.31 25.45 -19.82
C ASP A 401 -3.45 26.04 -18.70
N VAL A 402 -3.29 25.27 -17.62
CA VAL A 402 -2.47 25.67 -16.49
C VAL A 402 -1.18 24.85 -16.51
N SER A 403 -0.08 25.51 -16.15
CA SER A 403 1.23 24.87 -16.21
C SER A 403 1.44 23.98 -15.01
N SER A 404 2.31 22.99 -15.19
CA SER A 404 2.60 22.00 -14.16
C SER A 404 3.67 21.09 -14.72
N SER A 405 4.22 20.26 -13.83
CA SER A 405 5.18 19.25 -14.26
C SER A 405 4.93 17.97 -13.50
N VAL A 406 5.23 16.85 -14.15
CA VAL A 406 5.18 15.53 -13.52
C VAL A 406 6.59 14.98 -13.49
N ILE A 407 7.01 14.46 -12.33
CA ILE A 407 8.36 13.95 -12.14
C ILE A 407 8.33 12.44 -12.37
N THR A 408 8.79 12.00 -13.53
CA THR A 408 8.84 10.58 -13.85
C THR A 408 9.99 9.89 -13.11
N SER A 409 10.14 8.59 -13.36
CA SER A 409 11.20 7.80 -12.72
C SER A 409 12.58 8.24 -13.17
N LEU A 410 12.70 8.66 -14.43
CA LEU A 410 14.01 8.98 -15.01
C LEU A 410 14.06 10.39 -15.60
N GLY A 411 13.03 11.21 -15.40
CA GLY A 411 13.05 12.52 -16.00
C GLY A 411 11.93 13.37 -15.49
N ALA A 412 11.49 14.35 -16.30
CA ALA A 412 10.39 15.22 -15.90
C ALA A 412 9.62 15.66 -17.14
N ILE A 413 8.30 15.53 -17.09
CA ILE A 413 7.43 16.07 -18.12
C ILE A 413 7.07 17.48 -17.70
N VAL A 414 7.15 18.43 -18.63
CA VAL A 414 6.79 19.81 -18.32
C VAL A 414 5.67 20.22 -19.25
N SER A 415 4.52 20.58 -18.67
CA SER A 415 3.43 21.18 -19.42
C SER A 415 3.46 22.66 -19.07
N CYS A 416 3.98 23.47 -19.99
CA CYS A 416 4.21 24.90 -19.79
C CYS A 416 3.26 25.66 -20.69
N TYR A 417 2.38 26.48 -20.11
CA TYR A 417 1.41 27.22 -20.91
C TYR A 417 1.24 28.65 -20.39
N GLY A 418 0.82 29.53 -21.29
CA GLY A 418 0.57 30.91 -20.90
C GLY A 418 1.85 31.65 -20.62
N LYS A 419 1.82 32.50 -19.59
CA LYS A 419 2.98 33.29 -19.19
C LYS A 419 3.80 32.62 -18.09
N THR A 420 3.77 31.30 -17.99
CA THR A 420 4.52 30.63 -16.94
C THR A 420 5.98 30.49 -17.34
N LYS A 421 6.85 30.63 -16.34
CA LYS A 421 8.27 30.33 -16.50
C LYS A 421 8.51 28.87 -16.13
N CYS A 422 9.12 28.12 -17.05
CA CYS A 422 9.50 26.74 -16.78
C CYS A 422 10.94 26.50 -17.20
N THR A 423 11.76 26.04 -16.26
CA THR A 423 13.16 25.76 -16.53
C THR A 423 13.54 24.41 -15.97
N ALA A 424 14.74 23.96 -16.31
CA ALA A 424 15.38 22.83 -15.66
C ALA A 424 16.81 23.22 -15.37
N SER A 425 17.26 22.93 -14.16
CA SER A 425 18.55 23.41 -13.70
C SER A 425 19.41 22.24 -13.23
N ASN A 426 20.65 22.58 -12.87
CA ASN A 426 21.65 21.64 -12.40
C ASN A 426 22.21 22.14 -11.08
N LYS A 427 22.86 21.23 -10.34
CA LYS A 427 23.36 21.57 -9.01
C LYS A 427 24.28 22.78 -9.04
N ASN A 428 25.24 22.79 -9.98
CA ASN A 428 26.29 23.80 -9.97
C ASN A 428 25.96 25.02 -10.81
N ARG A 429 25.19 24.89 -11.88
CA ARG A 429 25.09 25.95 -12.85
C ARG A 429 23.74 26.65 -12.88
N GLY A 430 22.76 26.15 -12.15
CA GLY A 430 21.44 26.71 -12.35
C GLY A 430 20.93 26.33 -13.73
N ILE A 431 20.27 27.28 -14.38
CA ILE A 431 19.40 26.98 -15.51
C ILE A 431 20.21 26.52 -16.73
N ILE A 432 19.79 25.40 -17.32
CA ILE A 432 20.38 24.91 -18.56
C ILE A 432 19.37 24.78 -19.69
N LYS A 433 18.08 24.62 -19.40
CA LYS A 433 17.03 24.58 -20.41
C LYS A 433 15.89 25.50 -20.01
N THR A 434 15.30 26.19 -20.98
CA THR A 434 14.10 26.99 -20.79
C THR A 434 13.02 26.42 -21.68
N PHE A 435 11.99 25.83 -21.08
CA PHE A 435 10.89 25.25 -21.86
C PHE A 435 10.03 26.35 -22.45
N SER A 436 9.70 26.22 -23.73
CA SER A 436 8.71 27.09 -24.34
C SER A 436 7.34 26.43 -24.25
N ASN A 437 6.31 27.23 -24.57
CA ASN A 437 4.93 26.79 -24.39
C ASN A 437 4.66 25.47 -25.09
N GLY A 438 3.96 24.59 -24.42
CA GLY A 438 3.69 23.29 -24.96
C GLY A 438 4.02 22.24 -23.93
N CYS A 439 4.13 20.99 -24.39
CA CYS A 439 4.46 19.89 -23.49
C CYS A 439 5.78 19.27 -23.92
N ASP A 440 6.74 19.27 -23.02
CA ASP A 440 8.11 18.87 -23.28
C ASP A 440 8.57 17.96 -22.15
N TYR A 441 9.79 17.45 -22.27
CA TYR A 441 10.33 16.48 -21.34
C TYR A 441 11.83 16.64 -21.27
N VAL A 442 12.41 16.32 -20.11
CA VAL A 442 13.86 16.38 -19.92
C VAL A 442 14.28 15.18 -19.08
N SER A 443 15.44 14.64 -19.38
CA SER A 443 15.95 13.47 -18.68
C SER A 443 16.71 13.89 -17.43
N ASN A 444 16.76 12.97 -16.46
CA ASN A 444 17.41 13.28 -15.19
C ASN A 444 18.92 13.17 -15.25
N LYS A 445 19.49 12.82 -16.41
CA LYS A 445 20.93 12.91 -16.58
C LYS A 445 21.29 14.36 -16.89
N GLY A 446 22.10 14.97 -16.04
CA GLY A 446 22.47 16.35 -16.19
C GLY A 446 21.54 17.34 -15.53
N VAL A 447 20.37 16.91 -15.06
CA VAL A 447 19.35 17.79 -14.51
C VAL A 447 19.04 17.33 -13.09
N ASP A 448 19.06 18.27 -12.13
CA ASP A 448 18.72 17.98 -10.75
C ASP A 448 17.37 18.54 -10.32
N THR A 449 16.96 19.67 -10.89
CA THR A 449 15.68 20.26 -10.52
C THR A 449 15.00 20.83 -11.75
N VAL A 450 13.68 20.93 -11.64
CA VAL A 450 12.81 21.52 -12.63
C VAL A 450 11.93 22.54 -11.91
N SER A 451 11.61 23.65 -12.56
CA SER A 451 10.76 24.65 -11.95
C SER A 451 9.67 25.04 -12.93
N VAL A 452 8.43 25.04 -12.45
CA VAL A 452 7.28 25.43 -13.23
C VAL A 452 6.51 26.43 -12.40
N GLY A 453 6.55 27.70 -12.77
CA GLY A 453 5.95 28.71 -11.92
C GLY A 453 6.77 28.87 -10.65
N ASN A 454 6.06 29.00 -9.52
CA ASN A 454 6.71 29.15 -8.23
C ASN A 454 6.99 27.82 -7.56
N THR A 455 6.94 26.71 -8.30
CA THR A 455 7.06 25.36 -7.73
C THR A 455 8.37 24.73 -8.19
N LEU A 456 9.25 24.43 -7.24
CA LEU A 456 10.49 23.72 -7.56
C LEU A 456 10.30 22.22 -7.34
N TYR A 457 10.66 21.43 -8.35
CA TYR A 457 10.58 19.97 -8.30
C TYR A 457 11.99 19.41 -8.36
N TYR A 458 12.33 18.53 -7.43
CA TYR A 458 13.55 17.72 -7.57
C TYR A 458 13.22 16.49 -8.41
N VAL A 459 14.10 16.17 -9.38
CA VAL A 459 13.93 14.97 -10.17
C VAL A 459 14.64 13.81 -9.47
N ASN A 460 14.16 12.60 -9.72
CA ASN A 460 14.79 11.42 -9.14
C ASN A 460 16.13 11.16 -9.78
N LYS A 461 17.12 10.81 -8.97
CA LYS A 461 18.45 10.61 -9.48
C LYS A 461 18.81 9.15 -9.72
N GLN A 462 17.83 8.25 -9.71
CA GLN A 462 18.10 6.87 -10.10
C GLN A 462 18.61 6.83 -11.53
N GLU A 463 19.56 5.94 -11.77
CA GLU A 463 20.17 5.86 -13.08
C GLU A 463 19.35 4.96 -14.00
N GLY A 464 19.42 5.28 -15.28
CA GLY A 464 18.65 4.63 -16.33
C GLY A 464 18.55 5.55 -17.51
N LYS A 465 18.32 4.96 -18.68
CA LYS A 465 18.32 5.74 -19.91
C LYS A 465 16.89 6.04 -20.36
N SER A 466 16.68 7.28 -20.81
CA SER A 466 15.41 7.74 -21.34
C SER A 466 15.52 7.93 -22.85
N LEU A 467 14.37 8.02 -23.48
CA LEU A 467 14.29 8.11 -24.93
C LEU A 467 13.17 9.05 -25.31
N TYR A 468 13.47 10.06 -26.13
CA TYR A 468 12.50 11.09 -26.51
C TYR A 468 11.93 10.72 -27.87
N VAL A 469 10.63 10.39 -27.90
CA VAL A 469 9.96 9.90 -29.11
C VAL A 469 9.26 11.10 -29.76
N LYS A 470 9.95 11.76 -30.69
CA LYS A 470 9.39 12.93 -31.36
C LYS A 470 8.10 12.55 -32.07
N GLY A 471 7.09 13.39 -31.91
CA GLY A 471 5.82 13.19 -32.58
C GLY A 471 4.99 14.44 -32.49
N GLU A 472 4.04 14.57 -33.40
CA GLU A 472 3.24 15.80 -33.39
C GLU A 472 2.17 15.71 -32.31
N PRO A 473 2.02 16.75 -31.48
CA PRO A 473 0.99 16.75 -30.43
C PRO A 473 -0.40 16.60 -31.01
N ILE A 474 -1.09 15.52 -30.62
CA ILE A 474 -2.37 15.18 -31.22
C ILE A 474 -3.43 16.25 -30.98
N ILE A 475 -3.20 17.18 -30.03
CA ILE A 475 -4.14 18.27 -29.82
C ILE A 475 -4.24 19.15 -31.05
N ASN A 476 -3.23 19.12 -31.92
CA ASN A 476 -3.27 19.92 -33.14
C ASN A 476 -4.28 19.39 -34.14
N PHE A 477 -4.65 18.11 -34.07
CA PHE A 477 -5.55 17.52 -35.05
C PHE A 477 -7.00 17.91 -34.83
N TYR A 478 -7.30 18.62 -33.76
CA TYR A 478 -8.67 18.95 -33.40
C TYR A 478 -8.99 20.40 -33.77
N ASP A 479 -10.16 20.59 -34.38
CA ASP A 479 -10.64 21.92 -34.70
C ASP A 479 -11.24 22.56 -33.47
N PRO A 480 -10.71 23.69 -32.99
CA PRO A 480 -11.15 24.21 -31.67
C PRO A 480 -12.61 24.59 -31.60
N LEU A 481 -13.25 24.90 -32.73
CA LEU A 481 -14.63 25.36 -32.68
C LEU A 481 -15.64 24.22 -32.52
N VAL A 482 -15.23 22.97 -32.68
CA VAL A 482 -16.13 21.85 -32.45
C VAL A 482 -15.49 20.86 -31.47
N PHE A 483 -14.54 21.33 -30.69
CA PHE A 483 -13.87 20.47 -29.71
C PHE A 483 -14.71 20.38 -28.44
N PRO A 484 -15.07 19.19 -27.98
CA PRO A 484 -15.83 19.06 -26.73
C PRO A 484 -14.92 19.26 -25.51
N SER A 485 -15.04 20.42 -24.89
CA SER A 485 -14.35 20.66 -23.63
C SER A 485 -15.16 20.08 -22.49
N ASP A 486 -14.54 20.04 -21.32
CA ASP A 486 -15.16 19.46 -20.14
C ASP A 486 -15.78 18.09 -20.46
N GLU A 487 -14.92 17.17 -20.89
CA GLU A 487 -15.20 15.74 -20.87
C GLU A 487 -14.15 15.08 -19.99
N PHE A 488 -14.58 14.20 -19.10
CA PHE A 488 -13.67 13.57 -18.15
C PHE A 488 -13.42 12.10 -18.46
N ASP A 489 -14.39 11.23 -18.25
CA ASP A 489 -14.22 9.80 -18.50
C ASP A 489 -14.53 9.51 -19.96
N ALA A 490 -13.73 10.10 -20.84
CA ALA A 490 -13.97 9.96 -22.27
C ALA A 490 -12.85 9.12 -22.91
N SER A 491 -12.86 9.09 -24.23
CA SER A 491 -11.90 8.29 -24.99
C SER A 491 -11.76 8.92 -26.37
N ILE A 492 -10.74 8.50 -27.11
CA ILE A 492 -10.51 9.05 -28.45
C ILE A 492 -11.75 8.93 -29.30
N SER A 493 -12.46 7.79 -29.20
CA SER A 493 -13.61 7.57 -30.06
C SER A 493 -14.85 8.31 -29.59
N GLN A 494 -15.00 8.48 -28.29
CA GLN A 494 -16.11 9.28 -27.78
C GLN A 494 -15.95 10.74 -28.15
N VAL A 495 -14.72 11.23 -28.17
CA VAL A 495 -14.51 12.62 -28.57
C VAL A 495 -14.81 12.79 -30.05
N ASN A 496 -14.36 11.85 -30.88
CA ASN A 496 -14.63 11.94 -32.31
C ASN A 496 -16.13 11.86 -32.60
N GLU A 497 -16.87 11.03 -31.86
CA GLU A 497 -18.29 10.88 -32.16
C GLU A 497 -19.07 12.15 -31.83
N LYS A 498 -18.66 12.89 -30.80
CA LYS A 498 -19.34 14.15 -30.52
C LYS A 498 -18.87 15.26 -31.44
N ILE A 499 -17.65 15.16 -32.00
CA ILE A 499 -17.22 16.13 -33.00
C ILE A 499 -18.04 15.97 -34.27
N ASN A 500 -18.27 14.73 -34.70
CA ASN A 500 -19.04 14.49 -35.91
C ASN A 500 -20.48 14.98 -35.75
N GLN A 501 -20.99 15.01 -34.52
CA GLN A 501 -22.36 15.45 -34.30
C GLN A 501 -22.50 16.97 -34.34
N SER A 502 -21.52 17.69 -33.78
CA SER A 502 -21.53 19.15 -33.90
C SER A 502 -21.20 19.60 -35.32
N LEU A 503 -20.37 18.85 -36.03
CA LEU A 503 -20.04 19.21 -37.41
C LEU A 503 -21.22 19.00 -38.34
N ALA A 504 -22.05 17.98 -38.07
CA ALA A 504 -23.23 17.77 -38.90
C ALA A 504 -24.24 18.89 -38.71
N PHE A 505 -24.41 19.36 -37.47
CA PHE A 505 -25.41 20.36 -37.14
C PHE A 505 -24.95 21.79 -37.44
N ILE A 506 -23.78 21.96 -38.07
CA ILE A 506 -23.36 23.26 -38.54
C ILE A 506 -23.38 23.29 -40.07
#